data_3LAX
#
_entry.id   3LAX
#
_cell.length_a   33.737
_cell.length_b   44.334
_cell.length_c   67.601
_cell.angle_alpha   90.00
_cell.angle_beta   90.00
_cell.angle_gamma   90.00
#
_symmetry.space_group_name_H-M   'P 21 21 21'
#
loop_
_entity.id
_entity.type
_entity.pdbx_description
1 polymer 'Phenylacetate-coenzyme A ligase'
2 water water
#
_entity_poly.entity_id   1
_entity_poly.type   'polypeptide(L)'
_entity_poly.pdbx_seq_one_letter_code
;SNADD(MSE)IILKGVNIFPIQIETILLQFKELGSDYLITLETAESNDE(MSE)TVEVELSQLFTDDYGRLQALTREITR
QLKDEILVTPRVKLVPKGALPKSEGKAVRVKDLRKTF
;
_entity_poly.pdbx_strand_id   A
#
# COMPACT_ATOMS: atom_id res chain seq x y z
N SER A 1 -8.00 -0.61 13.16
CA SER A 1 -7.32 -1.73 12.53
C SER A 1 -5.88 -1.82 13.01
N ASN A 2 -5.15 -2.84 12.58
CA ASN A 2 -3.72 -2.91 12.92
C ASN A 2 -2.91 -1.88 12.13
N ALA A 3 -3.61 -1.06 11.34
CA ALA A 3 -2.98 0.06 10.66
C ALA A 3 -2.46 1.08 11.68
N ASP A 4 -3.06 1.11 12.86
CA ASP A 4 -2.65 2.01 13.95
CA ASP A 4 -2.59 2.06 13.86
C ASP A 4 -1.34 1.56 14.59
N ASP A 5 -0.98 0.30 14.34
CA ASP A 5 0.24 -0.22 14.95
C ASP A 5 1.47 0.09 14.12
N ILE A 7 4.93 0.02 12.42
CA ILE A 7 5.78 -1.06 11.96
C ILE A 7 7.19 -0.55 11.77
N ILE A 8 8.13 -1.47 11.67
CA ILE A 8 9.52 -1.12 11.46
CA ILE A 8 9.51 -1.11 11.45
C ILE A 8 10.05 -1.90 10.27
N LEU A 9 10.58 -1.19 9.28
CA LEU A 9 11.08 -1.82 8.07
C LEU A 9 12.44 -1.25 7.72
N LYS A 10 13.43 -2.14 7.61
CA LYS A 10 14.81 -1.73 7.38
CA LYS A 10 14.85 -1.77 7.45
C LYS A 10 15.22 -0.53 8.25
N GLY A 11 14.91 -0.60 9.55
CA GLY A 11 15.28 0.44 10.49
C GLY A 11 14.35 1.64 10.53
N VAL A 12 13.39 1.70 9.61
CA VAL A 12 12.54 2.87 9.48
C VAL A 12 11.16 2.64 10.10
N ASN A 13 10.80 3.47 11.08
CA ASN A 13 9.49 3.38 11.69
C ASN A 13 8.44 3.98 10.76
N ILE A 14 7.38 3.24 10.52
CA ILE A 14 6.32 3.66 9.61
CA ILE A 14 6.33 3.71 9.65
C ILE A 14 4.95 3.45 10.25
N PHE A 15 4.09 4.46 10.17
CA PHE A 15 2.73 4.34 10.64
C PHE A 15 1.82 4.06 9.45
N PRO A 16 1.23 2.86 9.41
CA PRO A 16 0.40 2.49 8.27
C PRO A 16 -0.75 3.47 8.01
N ILE A 17 -1.20 4.20 9.03
CA ILE A 17 -2.26 5.16 8.78
C ILE A 17 -1.83 6.22 7.74
N GLN A 18 -0.53 6.53 7.69
CA GLN A 18 0.09 7.44 6.71
CA GLN A 18 -0.09 7.52 6.72
C GLN A 18 -0.22 7.00 5.29
N ILE A 19 -0.11 5.70 5.08
CA ILE A 19 -0.32 5.10 3.78
C ILE A 19 -1.80 5.19 3.43
N GLU A 20 -2.64 4.80 4.37
CA GLU A 20 -4.09 4.85 4.19
C GLU A 20 -4.55 6.25 3.78
N THR A 21 -4.07 7.26 4.48
CA THR A 21 -4.49 8.64 4.21
C THR A 21 -4.17 9.07 2.78
N ILE A 22 -2.98 8.71 2.32
CA ILE A 22 -2.58 9.02 0.95
CA ILE A 22 -2.56 9.00 0.95
C ILE A 22 -3.45 8.28 -0.07
N LEU A 23 -3.69 6.99 0.14
CA LEU A 23 -4.51 6.20 -0.77
C LEU A 23 -5.94 6.72 -0.87
N LEU A 24 -6.49 7.18 0.24
CA LEU A 24 -7.89 7.61 0.27
C LEU A 24 -8.19 8.78 -0.65
N GLN A 25 -7.19 9.59 -0.95
CA GLN A 25 -7.41 10.79 -1.75
CA GLN A 25 -7.42 10.79 -1.74
C GLN A 25 -7.60 10.50 -3.24
N PHE A 26 -7.25 9.29 -3.68
CA PHE A 26 -7.37 8.94 -5.10
C PHE A 26 -8.76 8.45 -5.47
N LYS A 27 -9.43 9.19 -6.36
CA LYS A 27 -10.76 8.80 -6.79
CA LYS A 27 -10.76 8.82 -6.83
C LYS A 27 -10.72 7.47 -7.53
N GLU A 28 -9.56 7.14 -8.09
CA GLU A 28 -9.42 5.91 -8.86
C GLU A 28 -9.35 4.67 -7.98
N LEU A 29 -9.19 4.87 -6.67
CA LEU A 29 -8.99 3.74 -5.76
C LEU A 29 -10.19 3.50 -4.85
N GLY A 30 -10.37 2.25 -4.44
CA GLY A 30 -11.30 1.95 -3.36
C GLY A 30 -10.62 2.18 -2.01
N SER A 31 -11.34 1.96 -0.92
CA SER A 31 -10.78 2.20 0.41
C SER A 31 -10.02 1.01 0.96
N ASP A 32 -10.11 -0.14 0.32
CA ASP A 32 -9.44 -1.33 0.83
C ASP A 32 -8.05 -1.52 0.26
N TYR A 33 -7.10 -1.76 1.16
CA TYR A 33 -5.71 -1.92 0.81
C TYR A 33 -5.12 -2.96 1.77
N LEU A 34 -3.97 -3.49 1.39
CA LEU A 34 -3.28 -4.45 2.23
C LEU A 34 -1.79 -4.23 2.08
N ILE A 35 -1.11 -4.03 3.21
CA ILE A 35 0.32 -3.85 3.23
C ILE A 35 0.92 -5.19 3.61
N THR A 36 1.75 -5.76 2.74
CA THR A 36 2.38 -7.04 3.05
C THR A 36 3.87 -6.86 3.23
N LEU A 37 4.39 -7.31 4.37
CA LEU A 37 5.82 -7.23 4.66
C LEU A 37 6.39 -8.63 4.56
N GLU A 38 7.47 -8.78 3.80
CA GLU A 38 8.10 -10.09 3.74
C GLU A 38 9.60 -9.99 3.60
N THR A 39 10.27 -11.12 3.79
CA THR A 39 11.70 -11.18 3.62
C THR A 39 12.01 -11.84 2.29
N ALA A 40 12.51 -11.05 1.35
CA ALA A 40 12.87 -11.55 0.02
C ALA A 40 14.37 -11.80 -0.01
N GLU A 41 14.73 -13.08 -0.06
CA GLU A 41 16.13 -13.48 0.00
C GLU A 41 16.74 -12.96 1.30
N SER A 42 17.51 -11.89 1.16
CA SER A 42 18.24 -11.31 2.28
C SER A 42 17.43 -10.24 3.02
N ASN A 43 16.79 -9.35 2.26
CA ASN A 43 16.20 -8.16 2.85
C ASN A 43 14.67 -8.13 2.90
N ASP A 44 14.15 -7.08 3.52
CA ASP A 44 12.71 -6.94 3.71
C ASP A 44 12.10 -6.06 2.63
N GLU A 45 10.91 -6.43 2.20
CA GLU A 45 10.19 -5.68 1.18
C GLU A 45 8.79 -5.36 1.68
N THR A 47 5.01 -4.53 0.15
CA THR A 47 4.10 -4.40 -0.97
C THR A 47 2.82 -3.73 -0.48
N VAL A 48 2.31 -2.77 -1.25
CA VAL A 48 1.04 -2.16 -0.94
C VAL A 48 0.08 -2.50 -2.08
N GLU A 49 -0.86 -3.39 -1.79
CA GLU A 49 -1.94 -3.70 -2.73
C GLU A 49 -3.11 -2.79 -2.41
N VAL A 50 -3.74 -2.24 -3.44
CA VAL A 50 -4.93 -1.43 -3.22
CA VAL A 50 -4.90 -1.38 -3.25
C VAL A 50 -5.93 -1.71 -4.32
N GLU A 51 -7.19 -1.82 -3.92
CA GLU A 51 -8.25 -2.07 -4.88
C GLU A 51 -8.53 -0.85 -5.72
N LEU A 52 -8.77 -1.09 -7.00
CA LEU A 52 -9.27 -0.05 -7.87
C LEU A 52 -10.73 0.24 -7.55
N SER A 53 -11.14 1.47 -7.79
CA SER A 53 -12.54 1.82 -7.74
C SER A 53 -13.28 1.10 -8.87
N GLN A 54 -14.54 0.75 -8.66
CA GLN A 54 -15.30 0.13 -9.75
C GLN A 54 -15.49 1.11 -10.89
N LEU A 55 -15.24 2.40 -10.63
CA LEU A 55 -15.30 3.42 -11.67
C LEU A 55 -14.06 3.49 -12.55
N PHE A 56 -12.97 2.84 -12.16
CA PHE A 56 -11.73 2.90 -12.95
C PHE A 56 -11.71 1.81 -14.01
N THR A 57 -11.82 2.21 -15.28
CA THR A 57 -11.71 1.25 -16.38
C THR A 57 -10.79 1.79 -17.48
N ASP A 58 -9.85 2.64 -17.11
CA ASP A 58 -8.97 3.27 -18.08
C ASP A 58 -7.83 2.35 -18.53
N ASP A 59 -7.14 2.77 -19.59
CA ASP A 59 -6.11 1.94 -20.21
C ASP A 59 -4.87 1.73 -19.34
N TYR A 60 -4.04 0.79 -19.75
CA TYR A 60 -2.86 0.42 -18.96
C TYR A 60 -1.87 1.57 -18.82
N GLY A 61 -1.83 2.48 -19.79
CA GLY A 61 -0.99 3.65 -19.67
C GLY A 61 -1.39 4.47 -18.45
N ARG A 62 -2.68 4.68 -18.29
CA ARG A 62 -3.22 5.38 -17.14
C ARG A 62 -3.01 4.60 -15.85
N LEU A 63 -3.17 3.28 -15.89
CA LEU A 63 -2.96 2.46 -14.71
CA LEU A 63 -2.97 2.45 -14.72
C LEU A 63 -1.51 2.59 -14.24
N GLN A 64 -0.58 2.56 -15.20
CA GLN A 64 0.84 2.72 -14.88
C GLN A 64 1.13 4.07 -14.27
N ALA A 65 0.55 5.14 -14.84
CA ALA A 65 0.77 6.49 -14.32
C ALA A 65 0.25 6.60 -12.90
N LEU A 66 -0.92 6.02 -12.66
CA LEU A 66 -1.53 6.00 -11.33
C LEU A 66 -0.61 5.28 -10.35
N THR A 67 -0.11 4.12 -10.75
CA THR A 67 0.78 3.34 -9.90
C THR A 67 2.01 4.16 -9.53
N ARG A 68 2.58 4.83 -10.52
CA ARG A 68 3.77 5.68 -10.34
C ARG A 68 3.50 6.81 -9.35
N GLU A 69 2.36 7.49 -9.52
CA GLU A 69 2.04 8.61 -8.64
C GLU A 69 1.81 8.16 -7.21
N ILE A 70 1.14 7.04 -7.01
CA ILE A 70 0.93 6.50 -5.66
C ILE A 70 2.29 6.17 -5.03
N THR A 71 3.15 5.51 -5.80
CA THR A 71 4.47 5.12 -5.31
C THR A 71 5.27 6.34 -4.85
N ARG A 72 5.26 7.38 -5.68
CA ARG A 72 5.95 8.63 -5.40
CA ARG A 72 5.98 8.61 -5.37
C ARG A 72 5.45 9.27 -4.10
N GLN A 73 4.13 9.39 -3.99
CA GLN A 73 3.55 10.00 -2.79
C GLN A 73 3.83 9.20 -1.54
N LEU A 74 3.75 7.87 -1.64
CA LEU A 74 4.03 7.02 -0.47
C LEU A 74 5.50 7.15 -0.06
N LYS A 75 6.42 7.09 -1.02
CA LYS A 75 7.83 7.27 -0.69
C LYS A 75 8.07 8.61 0.01
N ASP A 76 7.46 9.67 -0.48
CA ASP A 76 7.63 11.00 0.13
C ASP A 76 7.19 11.01 1.59
N GLU A 77 6.20 10.21 1.92
CA GLU A 77 5.63 10.23 3.27
C GLU A 77 6.33 9.28 4.22
N ILE A 78 6.51 8.03 3.79
CA ILE A 78 7.03 6.99 4.69
C ILE A 78 8.54 6.79 4.62
N LEU A 79 9.16 7.32 3.57
CA LEU A 79 10.63 7.37 3.46
C LEU A 79 11.28 6.04 3.07
N VAL A 80 10.46 5.13 2.57
CA VAL A 80 10.97 3.93 1.91
CA VAL A 80 10.92 3.88 1.96
C VAL A 80 10.06 3.71 0.72
N THR A 81 10.59 3.05 -0.31
CA THR A 81 9.81 2.83 -1.52
C THR A 81 9.05 1.53 -1.44
N PRO A 82 7.71 1.59 -1.42
CA PRO A 82 6.95 0.34 -1.43
C PRO A 82 6.75 -0.13 -2.87
N ARG A 83 6.48 -1.41 -3.02
CA ARG A 83 6.00 -1.91 -4.31
C ARG A 83 4.48 -1.78 -4.33
N VAL A 84 3.96 -0.93 -5.19
CA VAL A 84 2.53 -0.70 -5.27
C VAL A 84 1.89 -1.56 -6.35
N LYS A 85 0.84 -2.29 -5.97
CA LYS A 85 0.11 -3.14 -6.91
CA LYS A 85 0.11 -3.13 -6.92
C LYS A 85 -1.37 -2.80 -6.86
N LEU A 86 -1.91 -2.36 -7.99
CA LEU A 86 -3.33 -2.07 -8.08
C LEU A 86 -4.03 -3.36 -8.46
N VAL A 87 -5.08 -3.70 -7.73
CA VAL A 87 -5.78 -4.97 -7.90
C VAL A 87 -7.25 -4.68 -8.16
N PRO A 88 -7.95 -5.64 -8.78
CA PRO A 88 -9.36 -5.40 -9.13
C PRO A 88 -10.23 -5.18 -7.90
N LYS A 89 -11.31 -4.44 -8.08
CA LYS A 89 -12.28 -4.27 -7.02
C LYS A 89 -12.70 -5.63 -6.48
N GLY A 90 -12.68 -5.77 -5.16
CA GLY A 90 -13.10 -7.00 -4.50
C GLY A 90 -11.99 -8.02 -4.27
N ALA A 91 -10.79 -7.76 -4.80
CA ALA A 91 -9.72 -8.74 -4.76
C ALA A 91 -9.04 -8.90 -3.39
N LEU A 92 -9.29 -7.98 -2.45
CA LEU A 92 -8.66 -8.09 -1.13
C LEU A 92 -9.64 -8.60 -0.09
N PRO A 93 -9.17 -9.39 0.88
CA PRO A 93 -10.10 -9.95 1.87
C PRO A 93 -10.81 -8.85 2.65
N LYS A 94 -12.15 -8.79 2.61
CA LYS A 94 -12.90 -7.79 3.39
CA LYS A 94 -12.92 -7.81 3.38
C LYS A 94 -13.17 -8.31 4.80
N SER A 95 -12.88 -9.59 5.02
CA SER A 95 -13.12 -10.22 6.30
C SER A 95 -12.06 -9.80 7.33
N ALA A 99 -10.46 -5.45 10.61
CA ALA A 99 -9.71 -4.72 9.59
C ALA A 99 -8.21 -4.98 9.67
N VAL A 100 -7.78 -6.14 9.17
CA VAL A 100 -6.37 -6.46 9.07
C VAL A 100 -5.76 -5.75 7.85
N ARG A 101 -5.05 -4.66 8.10
CA ARG A 101 -4.50 -3.83 7.01
C ARG A 101 -3.05 -4.15 6.72
N VAL A 102 -2.40 -4.83 7.67
CA VAL A 102 -1.01 -5.20 7.50
C VAL A 102 -0.85 -6.70 7.70
N LYS A 103 -0.23 -7.36 6.73
CA LYS A 103 0.14 -8.76 6.84
C LYS A 103 1.67 -8.85 6.88
N ASP A 104 2.20 -9.21 8.05
CA ASP A 104 3.65 -9.24 8.24
C ASP A 104 4.11 -10.68 8.30
N LEU A 105 4.76 -11.12 7.22
CA LEU A 105 5.16 -12.50 7.07
C LEU A 105 6.63 -12.68 7.40
N ARG A 106 7.26 -11.63 7.93
CA ARG A 106 8.65 -11.73 8.31
C ARG A 106 8.70 -12.51 9.61
N LYS A 107 9.85 -13.05 9.94
CA LYS A 107 9.99 -13.67 11.25
C LYS A 107 10.36 -12.63 12.29
N THR A 108 9.74 -12.74 13.46
CA THR A 108 10.00 -11.80 14.55
C THR A 108 11.46 -11.83 15.00
N PHE A 109 12.11 -12.98 14.80
CA PHE A 109 13.47 -13.20 15.29
C PHE A 109 14.38 -11.96 15.24
#